data_3PC8
#
_entry.id   3PC8
#
_cell.length_a   66.320
_cell.length_b   163.480
_cell.length_c   36.740
_cell.angle_alpha   90.000
_cell.angle_beta   90.000
_cell.angle_gamma   90.000
#
_symmetry.space_group_name_H-M   'P 21 21 2'
#
loop_
_entity.id
_entity.type
_entity.pdbx_description
1 polymer 'DNA repair protein XRCC1'
2 polymer 'DNA ligase 3'
3 non-polymer 'MAGNESIUM ION'
4 non-polymer 2-AMINO-2-HYDROXYMETHYL-PROPANE-1,3-DIOL
5 water water
#
loop_
_entity_poly.entity_id
_entity_poly.type
_entity_poly.pdbx_seq_one_letter_code
_entity_poly.pdbx_strand_id
1 'polypeptide(L)'
;MPELPDFFEGKHFFLYGEFPGDERRRLIRYVTAFNGELEDRMNERVQFVITAQEWDPNFEEALMENPSLAFVRPRWIYSC
NEKQKLLPHQLYGVVPQA
;
A,B
2 'polypeptide(L)'
;GSADETLSQTKVLLDIFTGVRLYLPPSTPDFSRLRRYFVAFDGDLVQEFDMTSATHVLGSRDKNPAAQQVSPEWIWACIR
KRRLVAPS
;
C,D
#
loop_
_chem_comp.id
_chem_comp.type
_chem_comp.name
_chem_comp.formula
MG non-polymer 'MAGNESIUM ION' 'Mg 2'
TRS non-polymer 2-AMINO-2-HYDROXYMETHYL-PROPANE-1,3-DIOL 'C4 H12 N O3 1'
#
# COMPACT_ATOMS: atom_id res chain seq x y z
N MET A 1 -2.47 -25.14 26.51
CA MET A 1 -2.85 -24.55 25.23
C MET A 1 -3.09 -23.05 25.36
N PRO A 2 -2.00 -22.27 25.37
CA PRO A 2 -2.10 -20.80 25.41
C PRO A 2 -2.47 -20.26 24.04
N GLU A 3 -3.25 -19.18 23.99
CA GLU A 3 -3.69 -18.64 22.72
C GLU A 3 -3.22 -17.21 22.50
N LEU A 4 -2.39 -17.01 21.49
CA LEU A 4 -1.87 -15.68 21.19
C LEU A 4 -2.70 -15.02 20.08
N PRO A 5 -2.88 -13.70 20.17
N PRO A 5 -2.84 -13.70 20.15
CA PRO A 5 -3.60 -12.95 19.13
CA PRO A 5 -3.58 -12.95 19.11
C PRO A 5 -2.91 -13.14 17.80
C PRO A 5 -3.02 -13.24 17.71
N ASP A 6 -3.69 -13.13 16.71
N ASP A 6 -3.84 -13.09 16.69
CA ASP A 6 -3.15 -13.44 15.39
CA ASP A 6 -3.43 -13.43 15.32
C ASP A 6 -3.42 -12.34 14.38
C ASP A 6 -3.44 -12.24 14.35
N PHE A 7 -3.29 -11.08 14.80
N PHE A 7 -3.32 -11.03 14.87
CA PHE A 7 -3.65 -9.96 13.92
CA PHE A 7 -3.56 -9.85 14.04
C PHE A 7 -2.61 -9.66 12.83
C PHE A 7 -2.56 -9.60 12.89
N PHE A 8 -1.52 -10.42 12.81
CA PHE A 8 -0.51 -10.28 11.76
C PHE A 8 -0.57 -11.43 10.75
N GLU A 9 -1.55 -12.30 10.92
CA GLU A 9 -1.70 -13.47 10.06
C GLU A 9 -1.82 -13.10 8.58
N GLY A 10 -1.16 -13.86 7.72
CA GLY A 10 -1.25 -13.64 6.28
C GLY A 10 -0.40 -12.49 5.76
N LYS A 11 0.38 -11.87 6.63
CA LYS A 11 1.28 -10.79 6.24
C LYS A 11 2.75 -11.21 6.32
N HIS A 12 3.52 -10.80 5.31
CA HIS A 12 4.93 -11.17 5.25
C HIS A 12 5.81 -9.95 5.46
N PHE A 13 6.75 -10.07 6.40
CA PHE A 13 7.59 -8.96 6.80
C PHE A 13 9.05 -9.19 6.42
N PHE A 14 9.77 -8.11 6.17
CA PHE A 14 11.23 -8.18 6.06
C PHE A 14 11.84 -7.07 6.88
N LEU A 15 12.77 -7.43 7.75
CA LEU A 15 13.43 -6.44 8.60
C LEU A 15 14.67 -5.95 7.88
N TYR A 16 14.63 -4.70 7.43
CA TYR A 16 15.69 -4.15 6.59
C TYR A 16 16.68 -3.27 7.34
N GLY A 17 17.96 -3.46 7.04
CA GLY A 17 19.01 -2.63 7.60
C GLY A 17 19.35 -2.98 9.04
N GLU A 18 19.80 -1.97 9.78
CA GLU A 18 20.28 -2.14 11.15
C GLU A 18 19.29 -1.62 12.18
N PHE A 19 19.24 -2.26 13.34
CA PHE A 19 18.36 -1.83 14.41
C PHE A 19 19.11 -1.67 15.71
N PRO A 20 18.79 -0.61 16.47
CA PRO A 20 19.46 -0.26 17.73
C PRO A 20 19.19 -1.29 18.83
N GLY A 21 20.17 -1.50 19.71
CA GLY A 21 20.02 -2.38 20.85
C GLY A 21 19.43 -3.74 20.51
N ASP A 22 18.32 -4.08 21.17
CA ASP A 22 17.70 -5.38 21.00
C ASP A 22 16.40 -5.27 20.18
N GLU A 23 16.24 -4.17 19.46
CA GLU A 23 15.02 -3.96 18.70
C GLU A 23 14.75 -5.04 17.67
N ARG A 24 15.80 -5.52 16.99
CA ARG A 24 15.61 -6.57 15.99
C ARG A 24 14.94 -7.77 16.62
N ARG A 25 15.48 -8.18 17.77
CA ARG A 25 14.93 -9.31 18.51
C ARG A 25 13.49 -9.05 18.96
N ARG A 26 13.22 -7.83 19.40
CA ARG A 26 11.87 -7.45 19.81
C ARG A 26 10.88 -7.50 18.64
N LEU A 27 11.27 -6.95 17.50
CA LEU A 27 10.45 -6.99 16.29
C LEU A 27 10.15 -8.42 15.86
N ILE A 28 11.19 -9.24 15.81
CA ILE A 28 11.04 -10.66 15.51
C ILE A 28 10.02 -11.31 16.44
N ARG A 29 10.07 -10.95 17.72
CA ARG A 29 9.18 -11.54 18.72
C ARG A 29 7.72 -11.21 18.45
N TYR A 30 7.41 -9.93 18.26
CA TYR A 30 6.04 -9.50 18.03
C TYR A 30 5.47 -10.04 16.71
N VAL A 31 6.23 -9.90 15.64
CA VAL A 31 5.79 -10.41 14.34
C VAL A 31 5.44 -11.88 14.43
N THR A 32 6.32 -12.65 15.07
CA THR A 32 6.12 -14.09 15.22
C THR A 32 4.96 -14.41 16.16
N ALA A 33 4.87 -13.70 17.27
CA ALA A 33 3.86 -14.03 18.29
C ALA A 33 2.47 -13.88 17.72
N PHE A 34 2.28 -12.83 16.93
CA PHE A 34 0.96 -12.51 16.42
C PHE A 34 0.78 -13.05 15.00
N ASN A 35 1.53 -14.11 14.72
CA ASN A 35 1.31 -14.95 13.54
C ASN A 35 1.65 -14.29 12.19
N GLY A 36 2.53 -13.30 12.20
CA GLY A 36 3.08 -12.75 10.97
C GLY A 36 4.12 -13.69 10.38
N GLU A 37 4.49 -13.48 9.13
CA GLU A 37 5.52 -14.29 8.50
C GLU A 37 6.78 -13.47 8.27
N LEU A 38 7.93 -13.97 8.74
CA LEU A 38 9.20 -13.30 8.52
C LEU A 38 9.96 -13.92 7.34
N GLU A 39 10.45 -13.07 6.45
CA GLU A 39 11.23 -13.55 5.32
C GLU A 39 12.70 -13.22 5.54
N ASP A 40 13.58 -14.10 5.06
CA ASP A 40 15.02 -13.97 5.25
C ASP A 40 15.63 -12.92 4.32
N ARG A 41 15.04 -12.77 3.14
CA ARG A 41 15.51 -11.84 2.13
C ARG A 41 14.33 -11.12 1.53
N MET A 42 14.58 -10.01 0.83
CA MET A 42 13.48 -9.29 0.22
C MET A 42 13.01 -10.01 -1.05
N ASN A 43 12.11 -10.98 -0.85
CA ASN A 43 11.65 -11.86 -1.93
C ASN A 43 10.26 -11.48 -2.42
N GLU A 44 9.74 -12.26 -3.36
CA GLU A 44 8.45 -11.97 -3.97
C GLU A 44 7.29 -11.95 -2.97
N ARG A 45 7.47 -12.54 -1.80
CA ARG A 45 6.38 -12.67 -0.83
C ARG A 45 6.30 -11.49 0.12
N VAL A 46 7.38 -10.74 0.26
CA VAL A 46 7.41 -9.62 1.18
C VAL A 46 6.33 -8.57 0.89
N GLN A 47 5.60 -8.18 1.94
CA GLN A 47 4.57 -7.17 1.80
C GLN A 47 4.92 -5.94 2.62
N PHE A 48 5.58 -6.14 3.76
CA PHE A 48 5.99 -5.03 4.59
C PHE A 48 7.47 -5.02 4.92
N VAL A 49 8.14 -3.94 4.53
CA VAL A 49 9.54 -3.77 4.83
C VAL A 49 9.67 -2.86 6.04
N ILE A 50 10.24 -3.39 7.11
CA ILE A 50 10.40 -2.65 8.34
C ILE A 50 11.81 -2.08 8.41
N THR A 51 11.91 -0.77 8.60
CA THR A 51 13.21 -0.12 8.63
C THR A 51 13.21 1.06 9.61
N ALA A 52 14.34 1.23 10.30
CA ALA A 52 14.53 2.36 11.20
C ALA A 52 15.41 3.41 10.53
N GLN A 53 15.88 3.10 9.32
CA GLN A 53 16.75 3.99 8.58
C GLN A 53 15.95 4.86 7.60
N GLU A 54 16.57 5.95 7.15
CA GLU A 54 15.93 6.83 6.17
C GLU A 54 15.60 6.07 4.89
N TRP A 55 14.75 6.66 4.05
CA TRP A 55 14.44 6.08 2.75
C TRP A 55 15.71 5.64 2.02
N ASP A 56 15.61 4.55 1.29
CA ASP A 56 16.78 3.97 0.64
C ASP A 56 16.55 3.71 -0.83
N PRO A 57 17.53 4.04 -1.68
CA PRO A 57 17.54 3.70 -3.10
C PRO A 57 17.20 2.23 -3.35
N ASN A 58 17.65 1.34 -2.47
CA ASN A 58 17.29 -0.07 -2.54
C ASN A 58 15.77 -0.27 -2.52
N PHE A 59 15.07 0.64 -1.84
CA PHE A 59 13.61 0.59 -1.83
C PHE A 59 13.05 0.76 -3.25
N GLU A 60 13.65 1.65 -4.03
N GLU A 60 13.65 1.67 -4.02
CA GLU A 60 13.18 1.91 -5.39
CA GLU A 60 13.23 1.89 -5.40
C GLU A 60 13.48 0.77 -6.35
C GLU A 60 13.41 0.62 -6.22
N GLU A 61 14.57 0.05 -6.10
N GLU A 61 14.61 0.06 -6.15
CA GLU A 61 14.89 -1.11 -6.93
CA GLU A 61 14.96 -1.14 -6.89
C GLU A 61 13.93 -2.25 -6.59
C GLU A 61 13.98 -2.28 -6.58
N ALA A 62 13.69 -2.45 -5.30
CA ALA A 62 12.75 -3.47 -4.85
C ALA A 62 11.35 -3.25 -5.42
N LEU A 63 10.96 -1.98 -5.51
CA LEU A 63 9.64 -1.64 -6.05
C LEU A 63 9.50 -2.08 -7.51
N MET A 64 10.62 -2.21 -8.20
CA MET A 64 10.59 -2.63 -9.60
C MET A 64 10.01 -4.03 -9.75
N GLU A 65 10.40 -4.91 -8.84
CA GLU A 65 9.95 -6.30 -8.90
C GLU A 65 8.71 -6.52 -8.05
N ASN A 66 8.63 -5.81 -6.93
CA ASN A 66 7.55 -5.98 -5.99
C ASN A 66 6.84 -4.64 -5.76
N PRO A 67 5.91 -4.30 -6.65
CA PRO A 67 5.35 -2.94 -6.70
C PRO A 67 4.31 -2.67 -5.61
N SER A 68 3.89 -3.69 -4.87
CA SER A 68 2.89 -3.49 -3.82
C SER A 68 3.51 -3.34 -2.42
N LEU A 69 4.84 -3.24 -2.35
CA LEU A 69 5.53 -3.14 -1.06
C LEU A 69 5.14 -1.91 -0.26
N ALA A 70 5.09 -2.05 1.06
CA ALA A 70 4.89 -0.92 1.95
C ALA A 70 6.10 -0.80 2.88
N PHE A 71 6.57 0.42 3.09
CA PHE A 71 7.72 0.64 3.96
C PHE A 71 7.30 1.29 5.27
N VAL A 72 7.61 0.63 6.38
CA VAL A 72 7.05 1.04 7.67
C VAL A 72 8.07 1.13 8.81
N ARG A 73 7.78 2.00 9.77
CA ARG A 73 8.60 2.15 10.96
C ARG A 73 8.32 1.01 11.94
N PRO A 74 9.35 0.62 12.71
CA PRO A 74 9.19 -0.33 13.82
C PRO A 74 8.05 0.07 14.75
N ARG A 75 7.89 1.38 14.94
N ARG A 75 7.89 1.38 14.95
CA ARG A 75 6.85 1.93 15.79
CA ARG A 75 6.85 1.89 15.84
C ARG A 75 5.48 1.29 15.51
C ARG A 75 5.46 1.31 15.52
N TRP A 76 5.24 0.99 14.24
CA TRP A 76 3.98 0.36 13.84
C TRP A 76 3.77 -0.96 14.58
N ILE A 77 4.80 -1.79 14.60
CA ILE A 77 4.71 -3.08 15.25
C ILE A 77 4.64 -2.95 16.78
N TYR A 78 5.45 -2.07 17.36
CA TYR A 78 5.37 -1.82 18.80
C TYR A 78 3.97 -1.37 19.19
N SER A 79 3.40 -0.48 18.39
CA SER A 79 2.06 0.04 18.66
C SER A 79 0.99 -1.04 18.58
N CYS A 80 1.09 -1.90 17.58
CA CYS A 80 0.14 -3.00 17.43
C CYS A 80 0.12 -3.86 18.70
N ASN A 81 1.29 -4.14 19.25
CA ASN A 81 1.39 -4.92 20.47
C ASN A 81 0.82 -4.13 21.64
N GLU A 82 1.14 -2.84 21.70
CA GLU A 82 0.67 -1.99 22.78
C GLU A 82 -0.86 -1.86 22.79
N LYS A 83 -1.47 -1.91 21.60
CA LYS A 83 -2.93 -1.82 21.49
C LYS A 83 -3.54 -3.20 21.28
N GLN A 84 -2.69 -4.22 21.11
CA GLN A 84 -3.17 -5.57 20.85
C GLN A 84 -4.18 -5.61 19.70
N LYS A 85 -3.81 -5.01 18.58
CA LYS A 85 -4.61 -5.11 17.36
C LYS A 85 -3.85 -4.61 16.15
N LEU A 86 -4.28 -5.02 14.97
CA LEU A 86 -3.70 -4.53 13.72
C LEU A 86 -4.07 -3.07 13.53
N LEU A 87 -3.08 -2.18 13.69
CA LEU A 87 -3.28 -0.77 13.39
C LEU A 87 -2.89 -0.54 11.93
N PRO A 88 -3.38 0.56 11.33
CA PRO A 88 -3.01 0.84 9.93
C PRO A 88 -1.53 1.20 9.80
N HIS A 89 -0.82 0.51 8.91
CA HIS A 89 0.59 0.79 8.67
C HIS A 89 0.80 2.19 8.09
N GLN A 90 -0.20 2.71 7.39
CA GLN A 90 -0.10 4.03 6.75
C GLN A 90 0.26 5.13 7.74
N LEU A 91 -0.12 4.93 9.00
CA LEU A 91 0.17 5.91 10.04
C LEU A 91 1.66 5.96 10.36
N TYR A 92 2.39 4.92 9.96
CA TYR A 92 3.79 4.76 10.33
C TYR A 92 4.71 4.63 9.13
N GLY A 93 4.28 5.18 7.99
CA GLY A 93 4.96 4.95 6.73
C GLY A 93 6.31 5.63 6.57
N VAL A 94 7.11 5.10 5.64
CA VAL A 94 8.40 5.68 5.34
C VAL A 94 8.44 6.15 3.89
N VAL A 95 8.78 7.42 3.68
CA VAL A 95 8.83 7.99 2.34
C VAL A 95 10.14 8.74 2.14
N PRO A 96 10.51 8.99 0.87
CA PRO A 96 11.72 9.76 0.55
C PRO A 96 11.70 11.16 1.18
N GLN A 97 12.88 11.69 1.46
CA GLN A 97 13.01 13.06 1.94
C GLN A 97 12.30 14.04 1.01
N PRO B 2 -4.96 7.75 -32.54
CA PRO B 2 -5.60 8.37 -31.37
C PRO B 2 -5.91 7.36 -30.28
N GLU B 3 -4.88 6.89 -29.57
CA GLU B 3 -5.07 5.89 -28.51
C GLU B 3 -4.27 6.22 -27.26
N LEU B 4 -4.95 6.79 -26.27
CA LEU B 4 -4.31 7.25 -25.04
C LEU B 4 -3.74 6.11 -24.20
N PRO B 5 -2.67 6.41 -23.42
CA PRO B 5 -2.10 5.45 -22.47
C PRO B 5 -3.09 5.20 -21.35
N ASP B 6 -3.09 3.98 -20.81
CA ASP B 6 -4.02 3.64 -19.74
C ASP B 6 -3.35 2.92 -18.58
N PHE B 7 -2.27 3.50 -18.08
CA PHE B 7 -1.57 2.92 -16.94
C PHE B 7 -2.23 3.26 -15.61
N PHE B 8 -3.25 4.12 -15.64
CA PHE B 8 -4.05 4.36 -14.44
C PHE B 8 -5.30 3.49 -14.44
N GLU B 9 -5.38 2.60 -15.43
CA GLU B 9 -6.54 1.74 -15.59
C GLU B 9 -6.77 0.85 -14.36
N GLY B 10 -8.02 0.76 -13.92
CA GLY B 10 -8.38 -0.07 -12.78
C GLY B 10 -8.03 0.53 -11.43
N LYS B 11 -7.65 1.81 -11.41
CA LYS B 11 -7.33 2.50 -10.18
C LYS B 11 -8.35 3.59 -9.90
N HIS B 12 -8.76 3.71 -8.64
CA HIS B 12 -9.76 4.69 -8.25
C HIS B 12 -9.14 5.77 -7.35
N PHE B 13 -9.35 7.03 -7.72
CA PHE B 13 -8.72 8.16 -7.05
C PHE B 13 -9.74 9.05 -6.38
N PHE B 14 -9.34 9.69 -5.29
CA PHE B 14 -10.14 10.76 -4.71
C PHE B 14 -9.25 11.96 -4.44
N LEU B 15 -9.66 13.11 -4.95
CA LEU B 15 -8.92 14.34 -4.74
C LEU B 15 -9.40 14.99 -3.46
N TYR B 16 -8.57 14.96 -2.42
CA TYR B 16 -8.97 15.39 -1.09
C TYR B 16 -8.48 16.80 -0.75
N GLY B 17 -9.37 17.61 -0.17
CA GLY B 17 -9.01 18.94 0.29
C GLY B 17 -8.94 19.96 -0.83
N GLU B 18 -8.11 20.99 -0.62
CA GLU B 18 -8.00 22.10 -1.57
C GLU B 18 -6.73 22.05 -2.40
N PHE B 19 -6.80 22.59 -3.61
CA PHE B 19 -5.64 22.62 -4.51
C PHE B 19 -5.43 24.01 -5.08
N PRO B 20 -4.16 24.44 -5.12
CA PRO B 20 -3.74 25.77 -5.60
C PRO B 20 -3.97 25.95 -7.09
N GLY B 21 -4.31 27.18 -7.49
CA GLY B 21 -4.50 27.50 -8.89
C GLY B 21 -5.38 26.52 -9.63
N ASP B 22 -4.88 26.00 -10.75
CA ASP B 22 -5.65 25.10 -11.59
C ASP B 22 -5.22 23.64 -11.42
N GLU B 23 -4.55 23.34 -10.31
CA GLU B 23 -4.05 22.00 -10.08
C GLU B 23 -5.16 20.95 -10.10
N ARG B 24 -6.30 21.26 -9.50
CA ARG B 24 -7.40 20.31 -9.45
C ARG B 24 -7.80 19.88 -10.87
N ARG B 25 -7.96 20.87 -11.74
CA ARG B 25 -8.30 20.60 -13.13
C ARG B 25 -7.21 19.78 -13.81
N ARG B 26 -5.95 20.12 -13.51
CA ARG B 26 -4.81 19.40 -14.08
C ARG B 26 -4.75 17.94 -13.60
N LEU B 27 -5.03 17.72 -12.32
CA LEU B 27 -5.08 16.37 -11.78
C LEU B 27 -6.22 15.59 -12.43
N ILE B 28 -7.38 16.21 -12.53
CA ILE B 28 -8.53 15.54 -13.15
C ILE B 28 -8.18 15.14 -14.59
N ARG B 29 -7.45 16.02 -15.28
CA ARG B 29 -7.08 15.77 -16.67
C ARG B 29 -6.21 14.51 -16.83
N TYR B 30 -5.12 14.44 -16.07
CA TYR B 30 -4.19 13.31 -16.16
C TYR B 30 -4.81 11.96 -15.74
N VAL B 31 -5.47 11.95 -14.60
CA VAL B 31 -6.16 10.74 -14.13
C VAL B 31 -7.13 10.23 -15.19
N THR B 32 -7.95 11.14 -15.72
CA THR B 32 -8.95 10.79 -16.73
C THR B 32 -8.25 10.30 -18.01
N ALA B 33 -7.24 11.03 -18.44
CA ALA B 33 -6.62 10.74 -19.73
C ALA B 33 -6.06 9.33 -19.72
N PHE B 34 -5.39 8.99 -18.64
CA PHE B 34 -4.70 7.72 -18.55
C PHE B 34 -5.60 6.64 -17.95
N ASN B 35 -6.91 6.86 -18.09
CA ASN B 35 -7.92 5.85 -17.81
C ASN B 35 -8.07 5.46 -16.33
N GLY B 36 -7.76 6.38 -15.43
CA GLY B 36 -8.04 6.20 -14.03
C GLY B 36 -9.51 6.53 -13.76
N GLU B 37 -10.00 6.13 -12.59
CA GLU B 37 -11.37 6.44 -12.20
C GLU B 37 -11.38 7.46 -11.08
N LEU B 38 -12.15 8.52 -11.24
CA LEU B 38 -12.30 9.53 -10.19
C LEU B 38 -13.60 9.33 -9.40
N GLU B 39 -13.49 9.31 -8.08
CA GLU B 39 -14.67 9.18 -7.23
C GLU B 39 -15.10 10.54 -6.68
N ASP B 40 -16.41 10.74 -6.57
CA ASP B 40 -16.99 11.99 -6.07
C ASP B 40 -16.76 12.15 -4.56
N ARG B 41 -16.79 11.02 -3.86
CA ARG B 41 -16.67 11.01 -2.41
C ARG B 41 -15.71 9.91 -2.00
N MET B 42 -15.28 9.95 -0.75
CA MET B 42 -14.40 8.92 -0.20
C MET B 42 -15.18 7.66 0.11
N ASN B 43 -15.41 6.83 -0.92
CA ASN B 43 -16.22 5.64 -0.78
C ASN B 43 -15.40 4.36 -0.74
N GLU B 44 -16.08 3.22 -0.74
CA GLU B 44 -15.42 1.92 -0.63
C GLU B 44 -14.48 1.59 -1.79
N ARG B 45 -14.63 2.28 -2.92
CA ARG B 45 -13.84 1.97 -4.09
C ARG B 45 -12.51 2.71 -4.14
N VAL B 46 -12.40 3.81 -3.41
CA VAL B 46 -11.20 4.63 -3.44
C VAL B 46 -9.94 3.83 -3.07
N GLN B 47 -8.92 3.92 -3.91
CA GLN B 47 -7.63 3.26 -3.63
C GLN B 47 -6.54 4.29 -3.34
N PHE B 48 -6.62 5.45 -3.98
CA PHE B 48 -5.63 6.49 -3.80
C PHE B 48 -6.27 7.83 -3.45
N VAL B 49 -5.86 8.39 -2.32
CA VAL B 49 -6.30 9.71 -1.91
C VAL B 49 -5.21 10.71 -2.23
N ILE B 50 -5.50 11.65 -3.13
CA ILE B 50 -4.53 12.64 -3.54
C ILE B 50 -4.76 13.91 -2.73
N THR B 51 -3.72 14.36 -2.04
CA THR B 51 -3.82 15.56 -1.22
C THR B 51 -2.55 16.39 -1.26
N ALA B 52 -2.70 17.71 -1.23
CA ALA B 52 -1.57 18.63 -1.17
C ALA B 52 -1.42 19.15 0.24
N GLN B 53 -2.36 18.77 1.11
CA GLN B 53 -2.36 19.24 2.48
C GLN B 53 -1.66 18.24 3.40
N GLU B 54 -1.25 18.69 4.59
CA GLU B 54 -0.58 17.83 5.56
C GLU B 54 -1.49 16.67 5.97
N TRP B 55 -0.91 15.64 6.58
CA TRP B 55 -1.69 14.51 7.06
C TRP B 55 -2.91 15.03 7.81
N ASP B 56 -4.04 14.36 7.64
CA ASP B 56 -5.28 14.83 8.23
C ASP B 56 -5.91 13.77 9.13
N PRO B 57 -6.40 14.20 10.30
CA PRO B 57 -7.16 13.34 11.22
C PRO B 57 -8.31 12.62 10.52
N ASN B 58 -8.90 13.26 9.52
CA ASN B 58 -9.93 12.63 8.71
C ASN B 58 -9.40 11.37 8.02
N PHE B 59 -8.10 11.35 7.74
CA PHE B 59 -7.47 10.20 7.08
C PHE B 59 -7.60 8.97 7.96
N GLU B 60 -7.37 9.14 9.26
N GLU B 60 -7.32 9.13 9.25
CA GLU B 60 -7.42 8.00 10.17
CA GLU B 60 -7.45 8.03 10.19
C GLU B 60 -8.85 7.47 10.33
C GLU B 60 -8.85 7.45 10.09
N GLU B 61 -9.85 8.32 10.13
CA GLU B 61 -11.24 7.89 10.09
C GLU B 61 -11.52 7.12 8.81
N ALA B 62 -11.03 7.66 7.71
CA ALA B 62 -11.18 7.04 6.40
C ALA B 62 -10.56 5.64 6.38
N LEU B 63 -9.45 5.48 7.11
CA LEU B 63 -8.78 4.19 7.17
C LEU B 63 -9.66 3.15 7.85
N MET B 64 -10.49 3.61 8.77
N MET B 64 -10.49 3.60 8.79
CA MET B 64 -11.40 2.73 9.51
CA MET B 64 -11.42 2.72 9.50
C MET B 64 -12.37 2.00 8.58
C MET B 64 -12.30 1.96 8.52
N GLU B 65 -12.80 2.67 7.52
CA GLU B 65 -13.73 2.10 6.56
C GLU B 65 -13.01 1.43 5.39
N ASN B 66 -11.81 1.90 5.09
CA ASN B 66 -11.06 1.44 3.93
C ASN B 66 -9.58 1.29 4.28
N PRO B 67 -9.19 0.13 4.83
CA PRO B 67 -7.85 -0.08 5.36
C PRO B 67 -6.73 -0.20 4.32
N SER B 68 -7.08 -0.31 3.04
CA SER B 68 -6.06 -0.46 2.00
C SER B 68 -5.70 0.86 1.29
N LEU B 69 -6.23 1.97 1.79
CA LEU B 69 -6.01 3.27 1.18
C LEU B 69 -4.55 3.69 1.15
N ALA B 70 -4.15 4.38 0.09
CA ALA B 70 -2.84 5.00 0.02
C ALA B 70 -2.99 6.51 -0.15
N PHE B 71 -2.19 7.27 0.61
CA PHE B 71 -2.26 8.72 0.54
C PHE B 71 -1.07 9.28 -0.23
N VAL B 72 -1.34 10.05 -1.29
CA VAL B 72 -0.27 10.43 -2.21
C VAL B 72 -0.29 11.92 -2.57
N ARG B 73 0.90 12.46 -2.83
CA ARG B 73 1.03 13.83 -3.31
C ARG B 73 0.68 13.92 -4.79
N PRO B 74 0.20 15.10 -5.21
CA PRO B 74 -0.09 15.39 -6.63
C PRO B 74 1.14 15.11 -7.50
N ARG B 75 2.33 15.39 -6.96
CA ARG B 75 3.58 15.16 -7.68
C ARG B 75 3.62 13.79 -8.37
N TRP B 76 3.09 12.78 -7.69
CA TRP B 76 3.01 11.44 -8.26
C TRP B 76 2.35 11.44 -9.63
N ILE B 77 1.19 12.07 -9.71
CA ILE B 77 0.42 12.07 -10.94
C ILE B 77 1.10 12.94 -12.02
N TYR B 78 1.63 14.09 -11.62
CA TYR B 78 2.37 14.95 -12.54
C TYR B 78 3.56 14.20 -13.13
N SER B 79 4.26 13.45 -12.27
CA SER B 79 5.44 12.71 -12.69
C SER B 79 5.11 11.54 -13.62
N CYS B 80 3.96 10.91 -13.40
CA CYS B 80 3.53 9.83 -14.28
C CYS B 80 3.31 10.34 -15.70
N ASN B 81 2.76 11.54 -15.82
CA ASN B 81 2.56 12.14 -17.14
C ASN B 81 3.90 12.53 -17.73
N GLU B 82 4.75 13.12 -16.91
CA GLU B 82 6.06 13.58 -17.33
C GLU B 82 6.91 12.43 -17.83
N LYS B 83 6.71 11.24 -17.27
CA LYS B 83 7.46 10.05 -17.68
C LYS B 83 6.62 9.12 -18.54
N GLN B 84 5.34 9.45 -18.70
CA GLN B 84 4.43 8.60 -19.46
C GLN B 84 4.51 7.14 -19.02
N LYS B 85 4.38 6.90 -17.72
CA LYS B 85 4.24 5.54 -17.20
C LYS B 85 3.83 5.56 -15.75
N LEU B 86 3.33 4.43 -15.28
CA LEU B 86 2.95 4.28 -13.89
C LEU B 86 4.19 4.22 -13.02
N LEU B 87 4.44 5.28 -12.26
CA LEU B 87 5.52 5.29 -11.28
C LEU B 87 4.95 4.79 -9.96
N PRO B 88 5.83 4.32 -9.06
CA PRO B 88 5.35 3.83 -7.76
C PRO B 88 4.88 4.98 -6.88
N HIS B 89 3.65 4.89 -6.37
CA HIS B 89 3.11 5.93 -5.51
C HIS B 89 3.87 6.06 -4.19
N GLN B 90 4.51 4.98 -3.76
CA GLN B 90 5.25 4.99 -2.51
C GLN B 90 6.33 6.06 -2.48
N LEU B 91 6.84 6.41 -3.65
CA LEU B 91 7.85 7.47 -3.75
C LEU B 91 7.27 8.84 -3.40
N TYR B 92 5.94 8.93 -3.40
CA TYR B 92 5.26 10.22 -3.25
C TYR B 92 4.25 10.23 -2.09
N GLY B 93 4.47 9.34 -1.12
CA GLY B 93 3.49 9.11 -0.06
C GLY B 93 3.35 10.22 0.96
N VAL B 94 2.24 10.22 1.67
CA VAL B 94 1.98 11.19 2.73
C VAL B 94 1.79 10.45 4.05
N VAL B 95 2.54 10.86 5.06
CA VAL B 95 2.49 10.19 6.36
C VAL B 95 2.41 11.23 7.47
N PRO B 96 1.97 10.80 8.66
CA PRO B 96 1.87 11.72 9.80
C PRO B 96 3.24 12.29 10.16
N GLN B 97 3.24 13.48 10.76
CA GLN B 97 4.47 14.10 11.25
C GLN B 97 5.21 13.16 12.20
N VAL C 12 2.23 -8.45 28.19
CA VAL C 12 1.49 -9.69 28.45
C VAL C 12 2.08 -10.84 27.64
N LEU C 13 3.38 -10.75 27.35
CA LEU C 13 4.12 -11.85 26.73
C LEU C 13 5.09 -12.44 27.74
N LEU C 14 4.94 -13.73 28.03
CA LEU C 14 5.72 -14.37 29.07
C LEU C 14 7.16 -14.58 28.63
N ASP C 15 8.09 -14.30 29.52
CA ASP C 15 9.50 -14.57 29.27
C ASP C 15 9.85 -15.91 29.90
N ILE C 16 9.83 -16.96 29.08
CA ILE C 16 10.07 -18.31 29.58
C ILE C 16 11.38 -18.88 29.06
N PHE C 17 11.62 -18.73 27.76
CA PHE C 17 12.77 -19.37 27.14
C PHE C 17 13.99 -18.46 27.02
N THR C 18 14.01 -17.41 27.85
CA THR C 18 15.15 -16.51 27.96
C THR C 18 16.47 -17.28 28.08
N GLY C 19 17.36 -17.06 27.14
CA GLY C 19 18.68 -17.67 27.18
C GLY C 19 18.77 -18.99 26.46
N VAL C 20 17.63 -19.50 26.00
CA VAL C 20 17.63 -20.75 25.25
C VAL C 20 17.86 -20.50 23.77
N ARG C 21 18.93 -21.10 23.23
CA ARG C 21 19.20 -21.06 21.80
C ARG C 21 18.89 -22.41 21.21
N LEU C 22 17.75 -22.52 20.52
CA LEU C 22 17.23 -23.80 20.09
C LEU C 22 17.32 -24.02 18.58
N TYR C 23 17.79 -25.19 18.18
CA TYR C 23 17.67 -25.60 16.79
C TYR C 23 16.44 -26.47 16.64
N LEU C 24 15.52 -26.02 15.80
CA LEU C 24 14.26 -26.71 15.59
C LEU C 24 14.20 -27.25 14.17
N PRO C 25 14.32 -28.58 14.01
CA PRO C 25 14.26 -29.18 12.68
C PRO C 25 12.99 -28.79 11.94
N PRO C 26 13.11 -28.33 10.69
CA PRO C 26 11.97 -27.87 9.90
C PRO C 26 10.92 -28.97 9.74
N SER C 27 11.33 -30.22 9.84
CA SER C 27 10.40 -31.35 9.66
C SER C 27 9.66 -31.70 10.96
N THR C 28 10.06 -31.06 12.05
CA THR C 28 9.42 -31.31 13.34
C THR C 28 7.91 -31.15 13.26
N PRO C 29 7.17 -32.17 13.73
CA PRO C 29 5.71 -32.10 13.80
C PRO C 29 5.25 -30.79 14.44
N ASP C 30 4.21 -30.18 13.87
CA ASP C 30 3.69 -28.92 14.39
C ASP C 30 4.78 -27.85 14.48
N PHE C 31 5.72 -27.88 13.54
CA PHE C 31 6.86 -26.97 13.53
C PHE C 31 6.47 -25.51 13.76
N SER C 32 5.52 -25.02 12.96
CA SER C 32 5.14 -23.62 13.00
C SER C 32 4.60 -23.19 14.34
N ARG C 33 3.68 -23.96 14.89
CA ARG C 33 3.12 -23.65 16.20
C ARG C 33 4.24 -23.64 17.25
N LEU C 34 5.08 -24.67 17.20
CA LEU C 34 6.21 -24.78 18.12
C LEU C 34 7.09 -23.53 18.05
N ARG C 35 7.50 -23.17 16.84
CA ARG C 35 8.29 -21.97 16.64
C ARG C 35 7.61 -20.74 17.22
N ARG C 36 6.34 -20.56 16.87
CA ARG C 36 5.59 -19.37 17.27
C ARG C 36 5.61 -19.16 18.79
N TYR C 37 5.25 -20.17 19.55
CA TYR C 37 5.19 -20.01 21.01
C TYR C 37 6.57 -19.92 21.65
N PHE C 38 7.52 -20.71 21.15
CA PHE C 38 8.88 -20.67 21.66
C PHE C 38 9.47 -19.27 21.49
N VAL C 39 9.32 -18.70 20.30
CA VAL C 39 9.81 -17.37 20.02
C VAL C 39 9.00 -16.31 20.77
N ALA C 40 7.68 -16.49 20.78
CA ALA C 40 6.81 -15.54 21.46
C ALA C 40 7.21 -15.42 22.92
N PHE C 41 7.62 -16.55 23.48
CA PHE C 41 7.94 -16.60 24.90
C PHE C 41 9.44 -16.46 25.18
N ASP C 42 10.12 -15.76 24.26
CA ASP C 42 11.47 -15.23 24.49
C ASP C 42 12.64 -16.18 24.14
N GLY C 43 12.36 -17.27 23.44
CA GLY C 43 13.41 -18.15 22.96
C GLY C 43 14.05 -17.65 21.68
N ASP C 44 15.27 -18.10 21.40
CA ASP C 44 15.95 -17.78 20.15
C ASP C 44 16.15 -19.04 19.32
N LEU C 45 15.78 -19.01 18.05
CA LEU C 45 16.09 -20.12 17.16
C LEU C 45 17.49 -19.97 16.57
N VAL C 46 18.13 -21.08 16.27
CA VAL C 46 19.44 -21.04 15.63
C VAL C 46 19.37 -21.64 14.22
N GLN C 47 20.04 -20.99 13.28
CA GLN C 47 20.10 -21.49 11.90
C GLN C 47 20.90 -22.78 11.85
N GLU C 48 20.62 -23.63 10.86
CA GLU C 48 21.27 -24.93 10.78
C GLU C 48 22.79 -24.81 10.72
N PHE C 49 23.28 -23.72 10.14
CA PHE C 49 24.72 -23.50 10.00
C PHE C 49 25.38 -23.19 11.34
N ASP C 50 24.67 -22.50 12.22
CA ASP C 50 25.20 -22.13 13.52
C ASP C 50 24.85 -23.18 14.56
N MET C 51 24.76 -24.43 14.13
CA MET C 51 24.42 -25.55 15.00
C MET C 51 25.13 -25.55 16.35
N THR C 52 26.43 -25.27 16.34
CA THR C 52 27.22 -25.39 17.56
C THR C 52 26.89 -24.30 18.59
N SER C 53 26.20 -23.26 18.15
CA SER C 53 25.84 -22.19 19.07
C SER C 53 24.55 -22.54 19.82
N ALA C 54 23.94 -23.67 19.48
CA ALA C 54 22.71 -24.07 20.15
C ALA C 54 22.97 -24.61 21.56
N THR C 55 22.18 -24.13 22.52
CA THR C 55 22.23 -24.67 23.88
C THR C 55 21.32 -25.90 23.99
N HIS C 56 20.28 -25.92 23.17
CA HIS C 56 19.36 -27.05 23.14
C HIS C 56 19.12 -27.47 21.69
N VAL C 57 18.75 -28.73 21.49
CA VAL C 57 18.40 -29.23 20.18
C VAL C 57 17.20 -30.15 20.31
N LEU C 58 16.19 -29.96 19.46
CA LEU C 58 15.01 -30.81 19.48
C LEU C 58 15.17 -31.98 18.52
N GLY C 59 14.82 -33.17 18.98
CA GLY C 59 14.97 -34.38 18.19
C GLY C 59 16.42 -34.62 17.82
N SER C 60 16.69 -34.64 16.53
CA SER C 60 18.04 -34.79 15.98
C SER C 60 19.19 -34.79 16.99
N ARG C 61 19.52 -35.94 17.54
CA ARG C 61 20.57 -36.03 18.56
C ARG C 61 21.97 -35.98 17.95
N ASP C 62 22.14 -36.60 16.80
CA ASP C 62 23.45 -36.70 16.14
C ASP C 62 24.12 -35.36 15.89
N LYS C 63 23.32 -34.33 15.61
CA LYS C 63 23.82 -33.04 15.16
C LYS C 63 24.82 -32.39 16.13
N ASN C 64 24.53 -32.51 17.43
CA ASN C 64 25.41 -31.94 18.45
C ASN C 64 25.19 -32.63 19.79
N PRO C 65 25.99 -33.66 20.09
N PRO C 65 26.01 -33.64 20.09
CA PRO C 65 25.88 -34.44 21.32
CA PRO C 65 25.88 -34.44 21.32
C PRO C 65 26.10 -33.59 22.57
C PRO C 65 26.07 -33.57 22.55
N ALA C 66 26.88 -32.53 22.43
CA ALA C 66 27.21 -31.67 23.56
C ALA C 66 26.07 -30.77 24.01
N ALA C 67 24.99 -30.72 23.21
CA ALA C 67 23.88 -29.83 23.52
C ALA C 67 22.78 -30.57 24.29
N GLN C 68 21.89 -29.81 24.94
CA GLN C 68 20.77 -30.41 25.66
C GLN C 68 19.74 -30.95 24.67
N GLN C 69 19.35 -32.21 24.85
CA GLN C 69 18.36 -32.82 23.96
C GLN C 69 16.95 -32.56 24.50
N VAL C 70 16.08 -31.99 23.66
CA VAL C 70 14.71 -31.72 24.07
C VAL C 70 13.70 -32.24 23.06
N SER C 71 12.43 -32.03 23.36
CA SER C 71 11.35 -32.51 22.50
C SER C 71 10.21 -31.49 22.54
N PRO C 72 9.24 -31.63 21.64
CA PRO C 72 8.07 -30.73 21.64
C PRO C 72 7.37 -30.71 23.00
N GLU C 73 7.26 -31.90 23.61
CA GLU C 73 6.63 -32.00 24.93
C GLU C 73 7.32 -31.11 25.95
N TRP C 74 8.63 -31.00 25.86
CA TRP C 74 9.39 -30.15 26.77
C TRP C 74 9.06 -28.67 26.59
N ILE C 75 8.76 -28.27 25.34
CA ILE C 75 8.37 -26.89 25.09
C ILE C 75 7.05 -26.55 25.78
N TRP C 76 6.06 -27.43 25.64
CA TRP C 76 4.78 -27.24 26.29
C TRP C 76 4.86 -27.35 27.81
N ALA C 77 5.69 -28.28 28.30
CA ALA C 77 5.88 -28.44 29.74
C ALA C 77 6.42 -27.16 30.37
N CYS C 78 7.43 -26.58 29.74
CA CYS C 78 7.99 -25.31 30.20
C CYS C 78 6.93 -24.24 30.26
N ILE C 79 6.11 -24.15 29.21
CA ILE C 79 5.08 -23.13 29.12
C ILE C 79 4.04 -23.29 30.22
N ARG C 80 3.63 -24.54 30.47
CA ARG C 80 2.68 -24.82 31.53
C ARG C 80 3.21 -24.41 32.90
N LYS C 81 4.45 -24.78 33.19
CA LYS C 81 5.08 -24.45 34.47
C LYS C 81 5.52 -22.99 34.56
N ARG C 82 5.54 -22.31 33.42
CA ARG C 82 5.95 -20.90 33.35
C ARG C 82 7.41 -20.76 33.75
N ARG C 83 8.17 -21.84 33.58
CA ARG C 83 9.60 -21.83 33.80
C ARG C 83 10.21 -23.03 33.09
N LEU C 84 11.53 -23.02 32.92
CA LEU C 84 12.20 -24.17 32.31
C LEU C 84 12.12 -25.39 33.23
N VAL C 85 11.78 -26.54 32.64
CA VAL C 85 11.86 -27.80 33.37
C VAL C 85 13.03 -28.61 32.83
N ALA C 86 13.28 -29.77 33.42
CA ALA C 86 14.43 -30.57 32.99
C ALA C 86 14.24 -31.03 31.54
N PRO C 87 15.29 -30.88 30.72
CA PRO C 87 15.30 -31.34 29.34
C PRO C 87 14.77 -32.78 29.22
N SER C 88 13.87 -33.00 28.28
CA SER C 88 13.26 -34.32 28.08
C SER C 88 12.57 -34.39 26.73
N LYS D 11 4.27 16.67 -26.92
CA LYS D 11 3.69 16.01 -25.76
C LYS D 11 2.49 15.14 -26.13
N VAL D 12 2.21 14.14 -25.31
CA VAL D 12 1.11 13.22 -25.55
C VAL D 12 -0.27 13.89 -25.37
N LEU D 13 -0.41 14.71 -24.33
CA LEU D 13 -1.68 15.37 -24.08
C LEU D 13 -1.78 16.65 -24.91
N LEU D 14 -2.18 16.47 -26.17
CA LEU D 14 -2.40 17.60 -27.06
C LEU D 14 -3.42 18.56 -26.46
N ASP D 15 -3.18 19.85 -26.63
CA ASP D 15 -4.15 20.85 -26.22
C ASP D 15 -5.02 21.21 -27.41
N ILE D 16 -6.20 20.59 -27.48
CA ILE D 16 -7.09 20.79 -28.62
C ILE D 16 -8.34 21.57 -28.23
N PHE D 17 -8.95 21.20 -27.10
CA PHE D 17 -10.22 21.81 -26.71
C PHE D 17 -10.08 22.96 -25.73
N THR D 18 -8.89 23.54 -25.67
CA THR D 18 -8.62 24.70 -24.83
C THR D 18 -9.73 25.75 -25.03
N GLY D 19 -10.43 26.08 -23.96
CA GLY D 19 -11.42 27.12 -24.01
C GLY D 19 -12.82 26.61 -24.23
N VAL D 20 -12.95 25.34 -24.61
CA VAL D 20 -14.26 24.73 -24.80
C VAL D 20 -14.85 24.27 -23.47
N ARG D 21 -16.01 24.82 -23.13
CA ARG D 21 -16.71 24.39 -21.92
C ARG D 21 -17.98 23.65 -22.33
N LEU D 22 -17.90 22.32 -22.27
CA LEU D 22 -18.91 21.47 -22.88
C LEU D 22 -19.80 20.74 -21.89
N TYR D 23 -21.11 20.76 -22.13
CA TYR D 23 -22.02 19.88 -21.40
C TYR D 23 -22.25 18.60 -22.19
N LEU D 24 -21.92 17.48 -21.57
CA LEU D 24 -22.01 16.17 -22.21
C LEU D 24 -23.06 15.32 -21.54
N PRO D 25 -24.22 15.14 -22.20
CA PRO D 25 -25.28 14.34 -21.60
C PRO D 25 -24.77 12.96 -21.21
N PRO D 26 -24.99 12.55 -19.95
CA PRO D 26 -24.61 11.22 -19.46
C PRO D 26 -25.12 10.09 -20.36
N SER D 27 -26.24 10.33 -21.04
CA SER D 27 -26.84 9.29 -21.90
C SER D 27 -26.23 9.25 -23.30
N THR D 28 -25.32 10.19 -23.58
CA THR D 28 -24.65 10.23 -24.87
C THR D 28 -23.97 8.89 -25.16
N PRO D 29 -24.20 8.34 -26.36
CA PRO D 29 -23.54 7.09 -26.78
C PRO D 29 -22.04 7.22 -26.63
N ASP D 30 -21.37 6.17 -26.14
CA ASP D 30 -19.92 6.18 -25.97
C ASP D 30 -19.49 7.32 -25.06
N PHE D 31 -20.35 7.66 -24.10
CA PHE D 31 -20.13 8.76 -23.17
C PHE D 31 -18.73 8.75 -22.55
N SER D 32 -18.32 7.59 -22.05
CA SER D 32 -17.08 7.49 -21.29
C SER D 32 -15.84 7.80 -22.12
N ARG D 33 -15.76 7.21 -23.31
N ARG D 33 -15.75 7.21 -23.32
CA ARG D 33 -14.62 7.46 -24.19
CA ARG D 33 -14.61 7.46 -24.18
C ARG D 33 -14.62 8.91 -24.67
C ARG D 33 -14.62 8.91 -24.69
N LEU D 34 -15.81 9.43 -25.01
CA LEU D 34 -15.95 10.82 -25.41
C LEU D 34 -15.38 11.73 -24.33
N ARG D 35 -15.88 11.54 -23.10
CA ARG D 35 -15.43 12.33 -21.97
C ARG D 35 -13.91 12.26 -21.82
N ARG D 36 -13.39 11.04 -21.85
CA ARG D 36 -11.98 10.81 -21.60
C ARG D 36 -11.08 11.61 -22.56
N TYR D 37 -11.34 11.47 -23.84
CA TYR D 37 -10.50 12.13 -24.84
C TYR D 37 -10.69 13.64 -24.86
N PHE D 38 -11.92 14.09 -24.68
CA PHE D 38 -12.21 15.51 -24.60
C PHE D 38 -11.47 16.15 -23.44
N VAL D 39 -11.58 15.54 -22.26
CA VAL D 39 -10.87 16.02 -21.07
C VAL D 39 -9.36 15.89 -21.23
N ALA D 40 -8.92 14.74 -21.74
CA ALA D 40 -7.49 14.51 -21.95
C ALA D 40 -6.89 15.60 -22.84
N PHE D 41 -7.65 16.04 -23.83
CA PHE D 41 -7.13 17.01 -24.78
C PHE D 41 -7.51 18.44 -24.43
N ASP D 42 -7.68 18.70 -23.13
CA ASP D 42 -7.75 20.05 -22.58
C ASP D 42 -9.14 20.71 -22.57
N GLY D 43 -10.19 19.92 -22.82
CA GLY D 43 -11.54 20.44 -22.71
C GLY D 43 -12.04 20.48 -21.27
N ASP D 44 -13.02 21.33 -21.00
CA ASP D 44 -13.67 21.37 -19.67
C ASP D 44 -15.13 20.95 -19.74
N LEU D 45 -15.52 20.00 -18.90
CA LEU D 45 -16.93 19.62 -18.80
C LEU D 45 -17.68 20.57 -17.87
N VAL D 46 -18.96 20.79 -18.16
CA VAL D 46 -19.79 21.59 -17.29
C VAL D 46 -20.88 20.73 -16.65
N GLN D 47 -21.10 20.94 -15.35
CA GLN D 47 -22.14 20.21 -14.62
C GLN D 47 -23.52 20.59 -15.15
N GLU D 48 -24.46 19.66 -15.02
CA GLU D 48 -25.84 19.92 -15.41
C GLU D 48 -26.35 21.18 -14.72
N PHE D 49 -26.03 21.32 -13.44
CA PHE D 49 -26.48 22.46 -12.64
C PHE D 49 -26.07 23.79 -13.28
N ASP D 50 -24.85 23.86 -13.77
CA ASP D 50 -24.31 25.08 -14.35
C ASP D 50 -24.27 25.00 -15.87
N MET D 51 -25.15 24.15 -16.41
CA MET D 51 -25.22 23.91 -17.85
C MET D 51 -25.35 25.18 -18.69
N THR D 52 -26.04 26.18 -18.15
CA THR D 52 -26.28 27.42 -18.89
C THR D 52 -25.01 28.26 -19.14
N SER D 53 -23.87 27.81 -18.61
CA SER D 53 -22.62 28.56 -18.77
C SER D 53 -21.70 27.91 -19.80
N ALA D 54 -22.18 26.87 -20.46
CA ALA D 54 -21.42 26.14 -21.47
C ALA D 54 -21.23 26.96 -22.75
N THR D 55 -20.10 26.77 -23.42
CA THR D 55 -19.84 27.40 -24.72
C THR D 55 -20.31 26.48 -25.84
N HIS D 56 -20.32 25.19 -25.55
CA HIS D 56 -20.78 24.20 -26.51
C HIS D 56 -21.79 23.26 -25.85
N VAL D 57 -22.74 22.79 -26.64
CA VAL D 57 -23.78 21.89 -26.14
C VAL D 57 -24.02 20.77 -27.15
N LEU D 58 -24.28 19.57 -26.63
CA LEU D 58 -24.38 18.39 -27.48
C LEU D 58 -25.81 17.99 -27.81
N GLY D 59 -26.27 18.39 -28.99
CA GLY D 59 -27.50 17.87 -29.56
C GLY D 59 -28.79 18.51 -29.08
N SER D 60 -29.63 17.70 -28.44
CA SER D 60 -30.96 18.13 -28.00
C SER D 60 -30.89 19.17 -26.89
N ARG D 61 -30.15 20.24 -27.14
CA ARG D 61 -29.98 21.31 -26.16
C ARG D 61 -31.29 22.00 -25.86
N ASP D 62 -31.30 22.78 -24.80
CA ASP D 62 -32.47 23.55 -24.39
C ASP D 62 -32.04 24.54 -23.33
N LYS D 63 -32.50 25.78 -23.45
CA LYS D 63 -32.15 26.83 -22.50
C LYS D 63 -30.68 27.22 -22.59
N ASN D 64 -30.09 27.05 -23.76
CA ASN D 64 -28.74 27.56 -24.04
C ASN D 64 -28.55 27.77 -25.54
N PRO D 65 -29.18 28.82 -26.08
CA PRO D 65 -29.23 29.10 -27.51
C PRO D 65 -27.93 29.70 -28.06
N ALA D 66 -27.23 30.49 -27.24
CA ALA D 66 -26.05 31.20 -27.71
C ALA D 66 -24.83 30.29 -27.85
N ALA D 67 -24.89 29.12 -27.22
CA ALA D 67 -23.80 28.16 -27.31
C ALA D 67 -23.71 27.59 -28.72
N GLN D 68 -22.54 27.04 -29.06
CA GLN D 68 -22.34 26.39 -30.34
C GLN D 68 -22.83 24.95 -30.25
N GLN D 69 -23.62 24.52 -31.24
CA GLN D 69 -24.13 23.15 -31.26
C GLN D 69 -23.11 22.20 -31.87
N VAL D 70 -22.79 21.13 -31.16
CA VAL D 70 -21.82 20.15 -31.65
C VAL D 70 -22.33 18.72 -31.50
N SER D 71 -21.52 17.75 -31.93
CA SER D 71 -21.90 16.35 -31.88
C SER D 71 -20.66 15.50 -31.60
N PRO D 72 -20.87 14.21 -31.27
CA PRO D 72 -19.74 13.32 -31.03
C PRO D 72 -18.75 13.31 -32.19
N GLU D 73 -19.27 13.35 -33.41
CA GLU D 73 -18.42 13.36 -34.59
C GLU D 73 -17.47 14.55 -34.59
N TRP D 74 -17.95 15.69 -34.09
CA TRP D 74 -17.14 16.90 -34.01
C TRP D 74 -15.95 16.74 -33.06
N ILE D 75 -16.16 16.03 -31.96
CA ILE D 75 -15.07 15.77 -31.02
C ILE D 75 -13.96 14.95 -31.69
N TRP D 76 -14.34 13.87 -32.36
CA TRP D 76 -13.36 13.04 -33.06
C TRP D 76 -12.68 13.78 -34.22
N ALA D 77 -13.45 14.58 -34.94
CA ALA D 77 -12.90 15.36 -36.05
C ALA D 77 -11.81 16.32 -35.54
N CYS D 78 -12.11 17.01 -34.44
CA CYS D 78 -11.14 17.90 -33.82
C CYS D 78 -9.87 17.15 -33.41
N ILE D 79 -10.04 15.95 -32.89
CA ILE D 79 -8.90 15.16 -32.42
C ILE D 79 -8.05 14.68 -33.59
N ARG D 80 -8.71 14.27 -34.67
CA ARG D 80 -7.99 13.84 -35.86
C ARG D 80 -7.16 14.97 -36.46
N LYS D 81 -7.75 16.16 -36.57
CA LYS D 81 -7.04 17.30 -37.15
C LYS D 81 -6.10 17.97 -36.15
N ARG D 82 -6.21 17.56 -34.89
CA ARG D 82 -5.35 18.10 -33.83
C ARG D 82 -5.58 19.59 -33.61
N ARG D 83 -6.78 20.05 -33.98
CA ARG D 83 -7.21 21.42 -33.73
C ARG D 83 -8.73 21.48 -33.86
N LEU D 84 -9.31 22.59 -33.43
CA LEU D 84 -10.75 22.78 -33.56
C LEU D 84 -11.10 22.93 -35.02
N VAL D 85 -12.11 22.20 -35.48
CA VAL D 85 -12.59 22.36 -36.85
C VAL D 85 -13.98 22.99 -36.81
N ALA D 86 -14.48 23.36 -37.98
CA ALA D 86 -15.83 23.92 -38.09
C ALA D 86 -16.86 22.99 -37.43
N PRO D 87 -17.70 23.56 -36.57
CA PRO D 87 -18.75 22.85 -35.85
C PRO D 87 -19.62 21.96 -36.73
N SER D 88 -20.26 20.98 -36.12
CA SER D 88 -21.09 20.02 -36.84
C SER D 88 -21.72 19.03 -35.86
MG MG E . -12.53 -0.79 -10.03
C TRS F . -7.50 24.41 -18.02
C1 TRS F . -8.02 24.64 -16.60
C2 TRS F . -8.46 23.48 -18.77
C3 TRS F . -6.11 23.80 -17.94
N TRS F . -7.45 25.68 -18.72
O1 TRS F . -7.01 25.25 -15.82
O2 TRS F . -8.87 22.45 -17.90
O3 TRS F . -5.54 23.62 -19.22
#